data_4OB0
#
_entry.id   4OB0
#
_cell.length_a   65.680
_cell.length_b   65.680
_cell.length_c   185.691
_cell.angle_alpha   90.00
_cell.angle_beta   90.00
_cell.angle_gamma   120.00
#
_symmetry.space_group_name_H-M   'P 32 2 1'
#
loop_
_entity.id
_entity.type
_entity.pdbx_description
1 polymer 'Cobalt-containing nitrile hydratase subunit alpha'
2 polymer 'Cobalt-containing nitrile hydratase subunit beta'
3 non-polymer 'COBALT (II) ION'
4 non-polymer 'PHENYL BORONIC ACID'
5 water water
#
loop_
_entity_poly.entity_id
_entity_poly.type
_entity_poly.pdbx_seq_one_letter_code
_entity_poly.pdbx_strand_id
1 'polypeptide(L)'
;MTENILRKSDEEIQKEITARVKALESMLIEQGILTTSMIDRMAEIYENEVGPHLGAKVVVKAWTDPEFKKRLLADGTEAC
KELGIGGLQGEDMMWVENTDEVHHVVVCTL(CSD)SCYPWPVLGLPPNWFKEPQYRSRVVREPRQLLKEEFGFEVPPSKE
IKVWDSSSEMRFVVLPQRPAGTDGWSEEELATLVTRESMIGVEPAKAVHHHHHH
;
A
2 'polypeptide(L)'
;MNGVYDVGGTDGLGPINRPADEPVFRAEWEKVAFAMFPATFRAGFMGLDEFRFGIEQMNPAEYLESPYYWHWIRTYIHHG
VRTGKIDLEELERRTQYYRENPDAPLPEHEQKPELIEFVNQAVYGGLPASREVDRPPKFKEGDVVRFSTASPKGHARRAR
YVRGKTGTVVKHHGAYIYPDTAGNGLGECPEHLYTVRFTAQELWGPEGDPNSSVYYDCWEPYIELVDTKAAAA
;
B
#
# COMPACT_ATOMS: atom_id res chain seq x y z
N THR A 2 -12.84 10.02 16.09
CA THR A 2 -13.53 11.31 16.14
C THR A 2 -15.03 11.05 16.23
N GLU A 3 -15.74 11.84 17.05
CA GLU A 3 -17.15 11.55 17.30
C GLU A 3 -18.04 11.70 16.07
N ASN A 4 -18.86 10.68 15.90
CA ASN A 4 -19.84 10.61 14.84
C ASN A 4 -21.11 10.06 15.48
N ILE A 5 -22.11 10.91 15.65
CA ILE A 5 -23.33 10.49 16.33
C ILE A 5 -24.11 9.45 15.52
N LEU A 6 -23.74 9.28 14.26
CA LEU A 6 -24.43 8.32 13.41
C LEU A 6 -23.86 6.90 13.54
N ARG A 7 -22.72 6.75 14.20
CA ARG A 7 -21.98 5.50 14.15
C ARG A 7 -22.38 4.51 15.25
N LYS A 8 -22.62 3.27 14.85
CA LYS A 8 -22.86 2.16 15.77
C LYS A 8 -21.67 1.92 16.69
N SER A 9 -21.91 1.19 17.78
CA SER A 9 -20.82 0.80 18.66
C SER A 9 -19.83 -0.13 17.95
N ASP A 10 -18.60 -0.14 18.42
CA ASP A 10 -17.59 -1.04 17.89
C ASP A 10 -18.04 -2.51 17.98
N GLU A 11 -18.69 -2.86 19.09
CA GLU A 11 -19.17 -4.23 19.27
C GLU A 11 -20.21 -4.60 18.22
N GLU A 12 -21.15 -3.70 17.96
CA GLU A 12 -22.16 -3.97 16.95
C GLU A 12 -21.55 -4.07 15.55
N ILE A 13 -20.58 -3.21 15.26
CA ILE A 13 -19.89 -3.23 13.97
C ILE A 13 -19.16 -4.57 13.79
N GLN A 14 -18.47 -5.01 14.82
CA GLN A 14 -17.74 -6.27 14.77
C GLN A 14 -18.70 -7.44 14.59
N LYS A 15 -19.86 -7.39 15.25
CA LYS A 15 -20.83 -8.46 15.14
C LYS A 15 -21.35 -8.57 13.70
N GLU A 16 -21.65 -7.43 13.08
CA GLU A 16 -22.18 -7.44 11.74
C GLU A 16 -21.13 -7.88 10.71
N ILE A 17 -19.91 -7.35 10.83
CA ILE A 17 -18.83 -7.73 9.92
C ILE A 17 -18.57 -9.23 10.02
N THR A 18 -18.54 -9.75 11.24
CA THR A 18 -18.24 -11.17 11.46
C THR A 18 -19.25 -12.06 10.73
N ALA A 19 -20.54 -11.72 10.84
CA ALA A 19 -21.56 -12.52 10.15
C ALA A 19 -21.43 -12.43 8.63
N ARG A 20 -21.16 -11.24 8.13
CA ARG A 20 -21.02 -11.05 6.70
C ARG A 20 -19.83 -11.81 6.14
N VAL A 21 -18.71 -11.77 6.87
CA VAL A 21 -17.50 -12.44 6.42
C VAL A 21 -17.69 -13.96 6.48
N LYS A 22 -18.32 -14.46 7.54
CA LYS A 22 -18.55 -15.89 7.64
C LYS A 22 -19.49 -16.36 6.53
N ALA A 23 -20.49 -15.56 6.19
CA ALA A 23 -21.38 -15.89 5.08
C ALA A 23 -20.62 -15.95 3.75
N LEU A 24 -19.83 -14.92 3.46
CA LEU A 24 -19.05 -14.93 2.22
C LEU A 24 -18.07 -16.11 2.19
N GLU A 25 -17.43 -16.36 3.32
CA GLU A 25 -16.49 -17.46 3.45
C GLU A 25 -17.16 -18.78 3.11
N SER A 26 -18.38 -18.98 3.60
CA SER A 26 -19.09 -20.22 3.35
C SER A 26 -19.37 -20.41 1.86
N MET A 27 -19.63 -19.32 1.15
CA MET A 27 -19.88 -19.40 -0.29
C MET A 27 -18.60 -19.70 -1.07
N LEU A 28 -17.50 -19.03 -0.73
CA LEU A 28 -16.25 -19.29 -1.43
C LEU A 28 -15.74 -20.70 -1.14
N ILE A 29 -15.98 -21.20 0.06
CA ILE A 29 -15.66 -22.58 0.38
C ILE A 29 -16.44 -23.55 -0.51
N GLU A 30 -17.73 -23.28 -0.72
CA GLU A 30 -18.51 -24.18 -1.56
C GLU A 30 -18.11 -24.10 -3.03
N GLN A 31 -17.57 -22.96 -3.44
CA GLN A 31 -17.05 -22.82 -4.81
C GLN A 31 -15.75 -23.58 -5.01
N GLY A 32 -15.15 -24.05 -3.92
CA GLY A 32 -13.89 -24.79 -3.98
C GLY A 32 -12.64 -23.92 -4.09
N ILE A 33 -12.77 -22.61 -3.87
CA ILE A 33 -11.64 -21.71 -4.11
C ILE A 33 -10.99 -21.20 -2.82
N LEU A 34 -11.60 -21.48 -1.68
CA LEU A 34 -11.07 -21.09 -0.38
C LEU A 34 -11.17 -22.27 0.57
N THR A 35 -10.13 -22.50 1.37
CA THR A 35 -10.10 -23.61 2.32
C THR A 35 -9.54 -23.11 3.65
N THR A 36 -9.80 -23.84 4.72
CA THR A 36 -9.26 -23.46 6.01
C THR A 36 -7.72 -23.49 6.01
N SER A 37 -7.11 -24.45 5.32
CA SER A 37 -5.65 -24.49 5.33
C SER A 37 -5.06 -23.31 4.54
N MET A 38 -5.75 -22.86 3.49
CA MET A 38 -5.28 -21.70 2.75
C MET A 38 -5.31 -20.44 3.65
N ILE A 39 -6.39 -20.30 4.42
CA ILE A 39 -6.51 -19.17 5.35
C ILE A 39 -5.39 -19.21 6.40
N ASP A 40 -5.20 -20.39 6.99
CA ASP A 40 -4.19 -20.51 8.04
C ASP A 40 -2.77 -20.26 7.52
N ARG A 41 -2.49 -20.65 6.28
CA ARG A 41 -1.16 -20.47 5.72
C ARG A 41 -0.85 -18.98 5.50
N MET A 42 -1.79 -18.24 4.91
CA MET A 42 -1.59 -16.81 4.72
C MET A 42 -1.37 -16.08 6.04
N ALA A 43 -2.16 -16.43 7.05
CA ALA A 43 -2.03 -15.80 8.36
C ALA A 43 -0.67 -16.12 9.00
N GLU A 44 -0.26 -17.38 8.91
CA GLU A 44 1.01 -17.80 9.48
C GLU A 44 2.17 -17.03 8.87
N ILE A 45 2.16 -16.89 7.54
CA ILE A 45 3.24 -16.18 6.88
C ILE A 45 3.38 -14.76 7.39
N TYR A 46 2.27 -14.03 7.49
CA TYR A 46 2.38 -12.61 7.85
C TYR A 46 2.29 -12.34 9.35
N GLU A 47 2.01 -13.37 10.14
CA GLU A 47 2.18 -13.26 11.59
C GLU A 47 3.58 -13.64 12.05
N ASN A 48 4.22 -14.58 11.37
CA ASN A 48 5.45 -15.17 11.91
C ASN A 48 6.66 -15.21 11.00
N GLU A 49 6.47 -15.03 9.69
CA GLU A 49 7.58 -15.20 8.75
C GLU A 49 8.03 -13.89 8.11
N VAL A 50 7.07 -13.09 7.66
CA VAL A 50 7.40 -11.86 6.95
C VAL A 50 7.07 -10.65 7.82
N GLY A 51 8.09 -9.87 8.15
CA GLY A 51 7.94 -8.72 9.03
C GLY A 51 9.14 -7.80 8.92
N PRO A 52 9.13 -6.70 9.70
CA PRO A 52 10.16 -5.65 9.56
C PRO A 52 11.56 -6.07 10.00
N HIS A 53 11.72 -7.24 10.60
CA HIS A 53 13.05 -7.75 10.90
C HIS A 53 13.81 -8.03 9.60
N LEU A 54 13.08 -8.30 8.52
CA LEU A 54 13.73 -8.51 7.23
C LEU A 54 14.30 -7.20 6.68
N GLY A 55 13.48 -6.15 6.67
CA GLY A 55 13.98 -4.85 6.30
C GLY A 55 15.18 -4.43 7.13
N ALA A 56 15.14 -4.74 8.43
CA ALA A 56 16.23 -4.37 9.32
C ALA A 56 17.54 -5.02 8.87
N LYS A 57 17.48 -6.27 8.41
CA LYS A 57 18.67 -6.95 7.90
C LYS A 57 19.27 -6.21 6.71
N VAL A 58 18.39 -5.72 5.83
CA VAL A 58 18.83 -4.99 4.65
C VAL A 58 19.50 -3.67 5.06
N VAL A 59 18.87 -2.94 5.98
CA VAL A 59 19.43 -1.68 6.45
C VAL A 59 20.82 -1.85 7.06
N VAL A 60 20.98 -2.84 7.93
CA VAL A 60 22.26 -2.94 8.61
C VAL A 60 23.35 -3.43 7.66
N LYS A 61 22.98 -4.19 6.62
CA LYS A 61 23.96 -4.58 5.62
C LYS A 61 24.41 -3.35 4.84
N ALA A 62 23.45 -2.49 4.47
CA ALA A 62 23.79 -1.25 3.78
C ALA A 62 24.67 -0.36 4.64
N TRP A 63 24.39 -0.32 5.95
CA TRP A 63 25.18 0.48 6.88
C TRP A 63 26.62 0.00 6.99
N THR A 64 26.83 -1.29 6.82
CA THR A 64 28.14 -1.88 7.06
C THR A 64 28.83 -2.36 5.78
N ASP A 65 28.27 -2.03 4.63
CA ASP A 65 28.77 -2.52 3.35
C ASP A 65 28.44 -1.50 2.27
N PRO A 66 29.38 -0.57 2.01
CA PRO A 66 29.09 0.52 1.06
C PRO A 66 28.75 0.01 -0.34
N GLU A 67 29.35 -1.10 -0.77
CA GLU A 67 29.07 -1.65 -2.09
C GLU A 67 27.64 -2.17 -2.15
N PHE A 68 27.23 -2.88 -1.11
CA PHE A 68 25.84 -3.34 -1.06
C PHE A 68 24.86 -2.16 -1.02
N LYS A 69 25.19 -1.13 -0.25
CA LYS A 69 24.35 0.06 -0.19
C LYS A 69 24.15 0.65 -1.59
N LYS A 70 25.23 0.72 -2.36
CA LYS A 70 25.17 1.22 -3.72
C LYS A 70 24.21 0.39 -4.56
N ARG A 71 24.32 -0.94 -4.45
CA ARG A 71 23.44 -1.83 -5.19
C ARG A 71 21.98 -1.67 -4.73
N LEU A 72 21.81 -1.49 -3.43
CA LEU A 72 20.48 -1.34 -2.86
C LEU A 72 19.77 -0.11 -3.42
N LEU A 73 20.49 1.00 -3.48
CA LEU A 73 19.91 2.24 -3.99
C LEU A 73 19.74 2.19 -5.51
N ALA A 74 20.54 1.39 -6.20
CA ALA A 74 20.42 1.24 -7.65
C ALA A 74 19.21 0.39 -8.06
N ASP A 75 19.00 -0.72 -7.36
CA ASP A 75 17.91 -1.64 -7.68
C ASP A 75 17.54 -2.39 -6.43
N GLY A 76 16.52 -1.91 -5.73
CA GLY A 76 16.16 -2.43 -4.42
C GLY A 76 15.74 -3.88 -4.44
N THR A 77 14.98 -4.25 -5.48
CA THR A 77 14.52 -5.62 -5.62
C THR A 77 15.69 -6.59 -5.76
N GLU A 78 16.61 -6.28 -6.66
CA GLU A 78 17.73 -7.18 -6.90
C GLU A 78 18.67 -7.25 -5.69
N ALA A 79 18.92 -6.13 -5.02
CA ALA A 79 19.77 -6.16 -3.84
C ALA A 79 19.15 -6.98 -2.72
N CYS A 80 17.86 -6.79 -2.47
CA CYS A 80 17.21 -7.54 -1.41
C CYS A 80 17.21 -9.04 -1.69
N LYS A 81 17.15 -9.42 -2.96
CA LYS A 81 17.21 -10.83 -3.31
C LYS A 81 18.55 -11.48 -2.91
N GLU A 82 19.61 -10.68 -2.77
CA GLU A 82 20.89 -11.21 -2.31
C GLU A 82 20.77 -11.78 -0.91
N LEU A 83 19.80 -11.26 -0.15
CA LEU A 83 19.57 -11.73 1.21
C LEU A 83 18.39 -12.71 1.31
N GLY A 84 17.87 -13.15 0.16
CA GLY A 84 16.73 -14.05 0.13
C GLY A 84 15.42 -13.35 0.47
N ILE A 85 15.37 -12.03 0.29
CA ILE A 85 14.22 -11.23 0.65
C ILE A 85 13.53 -10.67 -0.59
N GLY A 86 12.23 -10.89 -0.71
CA GLY A 86 11.48 -10.37 -1.83
C GLY A 86 10.12 -11.04 -1.97
N GLY A 87 9.39 -10.68 -3.01
CA GLY A 87 8.12 -11.35 -3.28
C GLY A 87 6.94 -10.40 -3.31
N LEU A 88 5.81 -10.90 -2.83
CA LEU A 88 4.52 -10.23 -2.97
C LEU A 88 4.49 -8.80 -2.40
N GLN A 89 4.13 -7.86 -3.27
CA GLN A 89 4.05 -6.42 -2.96
C GLN A 89 5.41 -5.80 -2.61
N GLY A 90 6.45 -6.47 -3.07
CA GLY A 90 7.80 -5.90 -3.10
C GLY A 90 8.53 -6.29 -4.38
N GLU A 91 7.78 -6.57 -5.43
CA GLU A 91 8.35 -6.95 -6.72
C GLU A 91 9.22 -5.84 -7.29
N ASP A 92 8.86 -4.61 -6.97
CA ASP A 92 9.60 -3.45 -7.45
C ASP A 92 9.86 -2.51 -6.28
N MET A 93 11.03 -2.65 -5.67
CA MET A 93 11.37 -1.82 -4.53
C MET A 93 12.39 -0.75 -4.90
N MET A 94 12.17 0.46 -4.43
CA MET A 94 13.13 1.54 -4.57
C MET A 94 13.42 2.10 -3.19
N TRP A 95 14.66 1.92 -2.74
CA TRP A 95 15.08 2.44 -1.46
C TRP A 95 15.63 3.86 -1.60
N VAL A 96 15.35 4.70 -0.62
CA VAL A 96 15.78 6.10 -0.67
C VAL A 96 16.51 6.44 0.64
N GLU A 97 17.63 7.14 0.50
CA GLU A 97 18.55 7.31 1.61
C GLU A 97 18.39 8.62 2.37
N ASN A 98 18.08 8.53 3.65
CA ASN A 98 18.14 9.71 4.52
C ASN A 98 19.57 10.20 4.67
N THR A 99 19.75 11.51 4.67
CA THR A 99 21.06 12.14 4.87
C THR A 99 20.93 13.36 5.77
N ASP A 100 22.04 14.08 5.96
CA ASP A 100 21.98 15.34 6.71
C ASP A 100 21.16 16.39 5.97
N GLU A 101 20.99 16.20 4.67
CA GLU A 101 20.33 17.20 3.83
C GLU A 101 18.91 16.83 3.44
N VAL A 102 18.56 15.55 3.53
CA VAL A 102 17.27 15.10 3.03
C VAL A 102 16.63 14.13 3.99
N HIS A 103 15.33 14.28 4.21
CA HIS A 103 14.55 13.29 4.91
C HIS A 103 13.39 12.78 4.04
N HIS A 104 13.25 11.46 3.99
CA HIS A 104 12.22 10.79 3.19
C HIS A 104 11.11 10.23 4.04
N VAL A 105 9.88 10.29 3.56
CA VAL A 105 8.76 9.63 4.22
C VAL A 105 7.84 9.09 3.14
N VAL A 106 7.24 7.92 3.38
CA VAL A 106 6.46 7.22 2.37
CA VAL A 106 6.45 7.25 2.36
C VAL A 106 4.98 7.12 2.76
N VAL A 107 4.12 7.13 1.77
CA VAL A 107 2.67 7.08 1.97
C VAL A 107 2.04 6.42 0.76
N CYS A 108 0.82 5.92 0.93
CA CYS A 108 -0.02 5.55 -0.18
C CYS A 108 -1.31 6.36 -0.02
N THR A 109 -1.37 7.53 -0.64
CA THR A 109 -2.55 8.36 -0.43
C THR A 109 -3.82 7.75 -1.01
N LEU A 110 -3.69 6.94 -2.05
CA LEU A 110 -4.85 6.36 -2.71
C LEU A 110 -5.38 5.07 -2.05
N SER A 112 -3.20 1.92 0.45
CA SER A 112 -2.52 1.32 1.59
C SER A 112 -1.20 0.66 1.22
N CYS A 113 -0.77 0.85 -0.02
CA CYS A 113 0.40 0.18 -0.56
CA CYS A 113 0.34 0.03 -0.48
C CYS A 113 1.64 0.31 0.29
N TYR A 114 2.40 -0.77 0.41
CA TYR A 114 3.42 -0.92 1.42
C TYR A 114 4.31 -2.10 1.03
N PRO A 115 5.61 -2.02 1.31
CA PRO A 115 6.54 -3.05 0.85
C PRO A 115 6.52 -4.30 1.74
N TRP A 116 5.51 -5.15 1.57
CA TRP A 116 5.35 -6.32 2.43
C TRP A 116 6.61 -7.19 2.63
N PRO A 117 7.42 -7.43 1.57
CA PRO A 117 8.50 -8.39 1.82
C PRO A 117 9.56 -7.93 2.82
N VAL A 118 9.70 -6.62 3.03
CA VAL A 118 10.68 -6.12 3.97
C VAL A 118 10.05 -5.57 5.25
N LEU A 119 8.78 -5.20 5.22
CA LEU A 119 8.14 -4.62 6.42
C LEU A 119 6.97 -5.44 6.96
N GLY A 120 6.56 -6.47 6.23
CA GLY A 120 5.31 -7.15 6.54
C GLY A 120 4.11 -6.27 6.23
N LEU A 121 2.95 -6.65 6.75
CA LEU A 121 1.74 -5.88 6.53
C LEU A 121 1.83 -4.57 7.32
N PRO A 122 1.27 -3.49 6.75
CA PRO A 122 1.36 -2.18 7.40
C PRO A 122 0.52 -2.10 8.68
N PRO A 123 0.94 -1.26 9.63
CA PRO A 123 0.08 -0.97 10.78
C PRO A 123 -1.16 -0.22 10.32
N ASN A 124 -2.21 -0.29 11.12
CA ASN A 124 -3.47 0.30 10.68
C ASN A 124 -3.41 1.80 10.44
N TRP A 125 -2.62 2.54 11.22
CA TRP A 125 -2.57 4.00 11.03
C TRP A 125 -2.06 4.36 9.63
N PHE A 126 -1.16 3.56 9.08
CA PHE A 126 -0.60 3.82 7.76
C PHE A 126 -1.70 3.74 6.68
N LYS A 127 -2.65 2.84 6.91
CA LYS A 127 -3.72 2.58 5.95
C LYS A 127 -4.91 3.53 6.11
N GLU A 128 -4.93 4.31 7.19
CA GLU A 128 -6.12 5.08 7.52
C GLU A 128 -6.06 6.51 6.98
N PRO A 129 -7.21 7.19 6.86
CA PRO A 129 -7.24 8.46 6.12
C PRO A 129 -6.48 9.60 6.80
N GLN A 130 -6.25 9.52 8.10
CA GLN A 130 -5.66 10.64 8.82
C GLN A 130 -4.21 10.86 8.40
N TYR A 131 -3.41 9.79 8.44
CA TYR A 131 -2.02 9.87 8.02
C TYR A 131 -1.92 10.16 6.53
N ARG A 132 -2.69 9.43 5.73
CA ARG A 132 -2.62 9.50 4.28
C ARG A 132 -2.95 10.90 3.76
N SER A 133 -3.98 11.51 4.33
CA SER A 133 -4.41 12.82 3.84
C SER A 133 -3.38 13.89 4.15
N ARG A 134 -2.82 13.84 5.35
CA ARG A 134 -2.02 14.96 5.84
C ARG A 134 -0.53 14.92 5.48
N VAL A 135 0.04 13.72 5.34
CA VAL A 135 1.51 13.67 5.23
C VAL A 135 2.00 14.29 3.91
N VAL A 136 1.18 14.29 2.85
CA VAL A 136 1.65 14.92 1.59
C VAL A 136 1.53 16.44 1.64
N ARG A 137 0.75 16.94 2.59
CA ARG A 137 0.41 18.35 2.67
C ARG A 137 1.14 19.10 3.79
N GLU A 138 1.27 18.46 4.94
CA GLU A 138 1.98 19.04 6.09
C GLU A 138 2.96 18.03 6.73
N PRO A 139 3.91 17.49 5.96
CA PRO A 139 4.75 16.43 6.52
C PRO A 139 5.59 16.88 7.73
N ARG A 140 6.11 18.10 7.71
CA ARG A 140 6.95 18.55 8.81
C ARG A 140 6.13 18.64 10.10
N GLN A 141 4.94 19.22 10.01
CA GLN A 141 4.08 19.33 11.19
C GLN A 141 3.59 17.98 11.67
N LEU A 142 3.27 17.08 10.74
CA LEU A 142 2.80 15.75 11.10
CA LEU A 142 2.81 15.75 11.09
C LEU A 142 3.87 14.96 11.85
N LEU A 143 5.09 14.98 11.33
CA LEU A 143 6.17 14.24 11.98
C LEU A 143 6.39 14.75 13.40
N LYS A 144 6.28 16.07 13.58
CA LYS A 144 6.49 16.65 14.90
C LYS A 144 5.36 16.26 15.85
N GLU A 145 4.12 16.52 15.42
CA GLU A 145 2.97 16.37 16.31
C GLU A 145 2.62 14.92 16.62
N GLU A 146 2.68 14.07 15.61
CA GLU A 146 2.30 12.68 15.81
C GLU A 146 3.45 11.79 16.28
N PHE A 147 4.65 12.05 15.79
CA PHE A 147 5.77 11.14 16.07
C PHE A 147 6.88 11.76 16.91
N GLY A 148 6.72 13.03 17.30
CA GLY A 148 7.71 13.69 18.14
C GLY A 148 9.04 13.87 17.45
N PHE A 149 9.00 13.95 16.13
CA PHE A 149 10.17 13.96 15.28
C PHE A 149 10.29 15.31 14.60
N GLU A 150 11.25 16.11 15.04
CA GLU A 150 11.41 17.48 14.54
C GLU A 150 12.45 17.54 13.43
N VAL A 151 11.98 17.80 12.22
CA VAL A 151 12.88 17.97 11.08
C VAL A 151 13.07 19.46 10.84
N PRO A 152 14.29 19.96 11.05
CA PRO A 152 14.58 21.40 10.94
C PRO A 152 14.10 21.95 9.59
N PRO A 153 13.52 23.17 9.60
CA PRO A 153 12.91 23.75 8.39
C PRO A 153 13.86 23.84 7.20
N SER A 154 15.16 23.92 7.47
CA SER A 154 16.14 24.05 6.39
C SER A 154 16.45 22.71 5.75
N LYS A 155 15.94 21.64 6.33
CA LYS A 155 16.17 20.30 5.80
C LYS A 155 15.01 19.87 4.89
N GLU A 156 15.35 19.40 3.69
CA GLU A 156 14.30 19.04 2.75
C GLU A 156 13.58 17.76 3.18
N ILE A 157 12.26 17.79 3.11
CA ILE A 157 11.46 16.58 3.27
C ILE A 157 10.89 16.16 1.92
N LYS A 158 11.17 14.92 1.55
CA LYS A 158 10.63 14.34 0.35
C LYS A 158 9.59 13.29 0.73
N VAL A 159 8.35 13.49 0.28
CA VAL A 159 7.28 12.54 0.52
C VAL A 159 7.07 11.73 -0.74
N TRP A 160 7.09 10.40 -0.59
CA TRP A 160 6.95 9.48 -1.71
C TRP A 160 5.57 8.86 -1.67
N ASP A 161 4.73 9.20 -2.66
CA ASP A 161 3.38 8.68 -2.73
C ASP A 161 3.36 7.49 -3.70
N SER A 162 3.06 6.32 -3.17
CA SER A 162 3.14 5.07 -3.94
CA SER A 162 3.16 5.10 -3.96
C SER A 162 1.91 4.87 -4.82
N SER A 163 1.82 5.63 -5.89
CA SER A 163 0.70 5.53 -6.81
C SER A 163 0.83 4.36 -7.81
N SER A 164 2.02 3.74 -7.88
CA SER A 164 2.24 2.63 -8.82
C SER A 164 2.63 1.40 -8.04
N GLU A 165 3.12 0.38 -8.74
CA GLU A 165 3.61 -0.81 -8.06
C GLU A 165 5.04 -0.66 -7.56
N MET A 166 5.68 0.47 -7.86
N MET A 166 5.67 0.48 -7.83
CA MET A 166 6.95 0.80 -7.21
CA MET A 166 6.95 0.78 -7.22
C MET A 166 6.69 0.94 -5.71
C MET A 166 6.76 1.01 -5.73
N ARG A 167 7.53 0.30 -4.91
CA ARG A 167 7.39 0.36 -3.47
C ARG A 167 8.61 1.06 -2.87
N PHE A 168 8.36 2.20 -2.25
CA PHE A 168 9.42 3.01 -1.68
C PHE A 168 9.70 2.61 -0.24
N VAL A 169 10.99 2.51 0.10
CA VAL A 169 11.43 2.13 1.43
C VAL A 169 12.53 3.09 1.84
N VAL A 170 12.50 3.54 3.10
CA VAL A 170 13.50 4.50 3.56
C VAL A 170 14.67 3.78 4.21
N LEU A 171 15.87 4.14 3.75
CA LEU A 171 17.10 3.72 4.41
C LEU A 171 17.46 4.80 5.42
N PRO A 172 17.19 4.55 6.71
CA PRO A 172 17.46 5.60 7.70
C PRO A 172 18.95 5.81 7.89
N GLN A 173 19.31 6.99 8.37
CA GLN A 173 20.69 7.27 8.73
C GLN A 173 21.13 6.44 9.91
N ARG A 174 22.38 5.97 9.87
CA ARG A 174 22.95 5.23 10.98
C ARG A 174 23.16 6.15 12.18
N PRO A 175 22.58 5.79 13.34
CA PRO A 175 22.76 6.63 14.53
C PRO A 175 24.22 6.81 14.92
N ALA A 176 24.55 7.99 15.43
CA ALA A 176 25.88 8.26 15.96
C ALA A 176 26.14 7.36 17.17
N GLY A 177 27.42 7.10 17.43
CA GLY A 177 27.82 6.31 18.57
C GLY A 177 27.73 4.80 18.36
N THR A 178 27.70 4.38 17.10
CA THR A 178 27.60 2.96 16.80
C THR A 178 28.78 2.42 15.99
N ASP A 179 29.89 3.13 16.00
CA ASP A 179 31.05 2.70 15.20
C ASP A 179 31.48 1.29 15.56
N GLY A 180 31.61 0.44 14.55
CA GLY A 180 32.11 -0.91 14.75
C GLY A 180 31.13 -1.90 15.37
N TRP A 181 29.89 -1.47 15.59
CA TRP A 181 28.88 -2.38 16.13
C TRP A 181 28.65 -3.55 15.17
N SER A 182 28.27 -4.70 15.72
CA SER A 182 27.90 -5.83 14.88
C SER A 182 26.58 -5.56 14.17
N GLU A 183 26.31 -6.32 13.11
CA GLU A 183 25.04 -6.20 12.40
C GLU A 183 23.87 -6.50 13.34
N GLU A 184 24.04 -7.47 14.22
CA GLU A 184 23.01 -7.85 15.17
C GLU A 184 22.70 -6.70 16.13
N GLU A 185 23.74 -6.04 16.61
CA GLU A 185 23.58 -4.91 17.52
C GLU A 185 22.94 -3.73 16.80
N LEU A 186 23.37 -3.47 15.57
CA LEU A 186 22.80 -2.39 14.79
C LEU A 186 21.32 -2.59 14.51
N ALA A 187 20.92 -3.86 14.34
CA ALA A 187 19.54 -4.17 13.97
C ALA A 187 18.57 -3.74 15.06
N THR A 188 19.03 -3.71 16.31
CA THR A 188 18.17 -3.30 17.42
C THR A 188 17.73 -1.84 17.30
N LEU A 189 18.43 -1.06 16.48
CA LEU A 189 18.11 0.36 16.31
C LEU A 189 17.14 0.61 15.15
N VAL A 190 16.97 -0.41 14.32
CA VAL A 190 16.14 -0.26 13.13
C VAL A 190 14.70 -0.67 13.44
N THR A 191 13.79 0.25 13.20
CA THR A 191 12.36 0.02 13.42
C THR A 191 11.60 0.08 12.11
N ARG A 192 10.42 -0.52 12.11
CA ARG A 192 9.48 -0.33 11.02
C ARG A 192 9.30 1.16 10.71
N GLU A 193 9.14 1.97 11.76
CA GLU A 193 8.87 3.39 11.60
C GLU A 193 10.03 4.11 10.89
N SER A 194 11.26 3.68 11.18
CA SER A 194 12.42 4.28 10.55
C SER A 194 12.52 3.96 9.06
N MET A 195 11.89 2.88 8.64
CA MET A 195 11.88 2.51 7.23
C MET A 195 10.66 3.05 6.48
N ILE A 196 9.69 3.58 7.23
CA ILE A 196 8.60 4.37 6.64
C ILE A 196 9.02 5.84 6.54
N GLY A 197 9.89 6.27 7.45
CA GLY A 197 10.35 7.64 7.51
C GLY A 197 9.66 8.51 8.54
N VAL A 198 8.76 7.95 9.33
CA VAL A 198 8.04 8.76 10.34
C VAL A 198 8.83 8.92 11.64
N GLU A 199 9.88 8.12 11.80
CA GLU A 199 10.84 8.27 12.90
C GLU A 199 12.24 8.02 12.38
N PRO A 200 13.27 8.56 13.06
CA PRO A 200 14.63 8.16 12.73
C PRO A 200 14.91 6.78 13.34
N ALA A 201 16.02 6.15 12.98
CA ALA A 201 16.46 4.98 13.71
C ALA A 201 16.72 5.34 15.18
N LYS A 202 16.66 4.36 16.07
CA LYS A 202 16.79 4.62 17.50
C LYS A 202 18.17 5.15 17.87
N ALA A 203 18.19 6.22 18.67
CA ALA A 203 19.44 6.81 19.12
C ALA A 203 20.09 5.95 20.18
N VAL A 204 21.37 6.25 20.42
CA VAL A 204 22.18 5.68 21.49
C VAL A 204 22.60 4.25 21.16
N MET B 1 -11.79 7.41 -10.74
CA MET B 1 -12.91 8.28 -10.39
C MET B 1 -12.49 9.24 -9.28
N ASN B 2 -13.26 10.31 -9.13
CA ASN B 2 -13.01 11.34 -8.10
C ASN B 2 -13.60 10.93 -6.75
N GLY B 3 -13.28 9.74 -6.29
CA GLY B 3 -13.87 9.24 -5.06
C GLY B 3 -13.21 9.78 -3.80
N VAL B 4 -13.89 9.63 -2.67
CA VAL B 4 -13.38 10.13 -1.41
CA VAL B 4 -13.35 10.14 -1.42
C VAL B 4 -12.11 9.37 -0.96
N TYR B 5 -11.92 8.14 -1.47
CA TYR B 5 -10.71 7.36 -1.20
C TYR B 5 -9.42 8.14 -1.51
N ASP B 6 -9.53 9.07 -2.45
CA ASP B 6 -8.41 9.90 -2.94
C ASP B 6 -8.22 11.03 -1.93
N VAL B 7 -7.58 10.72 -0.81
CA VAL B 7 -7.59 11.60 0.35
C VAL B 7 -6.40 12.55 0.46
N GLY B 8 -5.42 12.41 -0.42
CA GLY B 8 -4.22 13.24 -0.35
C GLY B 8 -4.56 14.72 -0.39
N GLY B 9 -4.17 15.46 0.65
CA GLY B 9 -4.47 16.87 0.72
C GLY B 9 -5.77 17.24 1.42
N THR B 10 -6.61 16.27 1.73
CA THR B 10 -7.87 16.56 2.42
C THR B 10 -7.59 16.97 3.86
N ASP B 11 -8.25 18.05 4.28
CA ASP B 11 -8.17 18.55 5.64
C ASP B 11 -9.33 18.04 6.49
N GLY B 12 -9.15 17.99 7.81
CA GLY B 12 -10.26 17.76 8.71
C GLY B 12 -10.59 16.31 9.00
N LEU B 13 -9.74 15.38 8.57
CA LEU B 13 -10.03 13.97 8.79
C LEU B 13 -9.68 13.52 10.21
N GLY B 14 -8.97 14.38 10.96
CA GLY B 14 -8.75 14.13 12.38
C GLY B 14 -7.34 13.66 12.72
N PRO B 15 -7.06 13.51 14.03
CA PRO B 15 -5.75 13.03 14.47
C PRO B 15 -5.55 11.55 14.15
N ILE B 16 -4.31 11.15 14.01
CA ILE B 16 -3.98 9.76 13.77
C ILE B 16 -4.32 8.91 14.98
N ASN B 17 -4.96 7.77 14.75
CA ASN B 17 -5.10 6.78 15.82
C ASN B 17 -3.97 5.77 15.72
N ARG B 18 -3.07 5.79 16.69
CA ARG B 18 -1.89 4.94 16.65
C ARG B 18 -1.66 4.34 18.02
N PRO B 19 -2.23 3.16 18.27
CA PRO B 19 -1.95 2.49 19.53
C PRO B 19 -0.47 2.18 19.65
N ALA B 20 0.02 2.02 20.88
CA ALA B 20 1.44 1.81 21.11
C ALA B 20 1.92 0.53 20.45
N ASP B 21 1.02 -0.45 20.41
CA ASP B 21 1.28 -1.69 19.69
C ASP B 21 -0.05 -2.25 19.23
N GLU B 22 0.01 -3.23 18.33
CA GLU B 22 -1.18 -3.83 17.78
C GLU B 22 -0.81 -5.14 17.13
N PRO B 23 -1.75 -6.09 17.09
CA PRO B 23 -1.51 -7.36 16.40
C PRO B 23 -1.63 -7.17 14.89
N VAL B 24 -1.02 -8.08 14.13
CA VAL B 24 -1.19 -8.08 12.68
C VAL B 24 -2.67 -8.23 12.34
N PHE B 25 -3.34 -9.19 12.97
CA PHE B 25 -4.77 -9.39 12.78
C PHE B 25 -5.51 -9.16 14.09
N ARG B 26 -6.51 -8.30 14.05
CA ARG B 26 -7.21 -7.85 15.25
C ARG B 26 -8.37 -8.77 15.62
N ALA B 27 -8.79 -9.60 14.66
CA ALA B 27 -9.89 -10.54 14.84
C ALA B 27 -9.79 -11.64 13.81
N GLU B 28 -10.43 -12.79 14.06
CA GLU B 28 -10.34 -13.89 13.12
C GLU B 28 -10.91 -13.53 11.75
N TRP B 29 -11.96 -12.70 11.71
CA TRP B 29 -12.52 -12.36 10.40
C TRP B 29 -11.50 -11.62 9.53
N GLU B 30 -10.53 -10.92 10.15
CA GLU B 30 -9.53 -10.21 9.38
C GLU B 30 -8.59 -11.18 8.66
N LYS B 31 -8.27 -12.29 9.33
CA LYS B 31 -7.47 -13.34 8.70
C LYS B 31 -8.20 -13.91 7.50
N VAL B 32 -9.51 -14.09 7.63
CA VAL B 32 -10.30 -14.63 6.54
C VAL B 32 -10.31 -13.64 5.39
N ALA B 33 -10.59 -12.37 5.68
CA ALA B 33 -10.62 -11.33 4.65
C ALA B 33 -9.29 -11.26 3.89
N PHE B 34 -8.19 -11.34 4.64
CA PHE B 34 -6.86 -11.26 4.06
C PHE B 34 -6.60 -12.43 3.10
N ALA B 35 -6.91 -13.65 3.54
CA ALA B 35 -6.67 -14.86 2.74
C ALA B 35 -7.60 -14.93 1.53
N MET B 36 -8.73 -14.23 1.58
CA MET B 36 -9.63 -14.21 0.44
C MET B 36 -9.03 -13.51 -0.77
N PHE B 37 -7.96 -12.73 -0.55
CA PHE B 37 -7.34 -12.00 -1.65
C PHE B 37 -6.72 -13.01 -2.65
N PRO B 38 -5.75 -13.84 -2.22
CA PRO B 38 -5.27 -14.81 -3.22
C PRO B 38 -6.35 -15.77 -3.72
N ALA B 39 -7.31 -16.13 -2.87
CA ALA B 39 -8.38 -17.03 -3.28
C ALA B 39 -9.22 -16.46 -4.43
N THR B 40 -9.69 -15.22 -4.29
CA THR B 40 -10.52 -14.63 -5.34
C THR B 40 -9.70 -14.22 -6.56
N PHE B 41 -8.45 -13.86 -6.35
CA PHE B 41 -7.56 -13.58 -7.46
C PHE B 41 -7.37 -14.83 -8.31
N ARG B 42 -7.04 -15.96 -7.67
CA ARG B 42 -6.81 -17.19 -8.43
C ARG B 42 -8.08 -17.61 -9.18
N ALA B 43 -9.24 -17.37 -8.57
CA ALA B 43 -10.53 -17.74 -9.14
C ALA B 43 -11.02 -16.77 -10.21
N GLY B 44 -10.26 -15.71 -10.47
CA GLY B 44 -10.60 -14.80 -11.55
C GLY B 44 -11.70 -13.80 -11.24
N PHE B 45 -11.91 -13.49 -9.96
CA PHE B 45 -12.85 -12.43 -9.57
C PHE B 45 -12.37 -11.06 -10.06
N MET B 46 -11.05 -10.87 -10.01
CA MET B 46 -10.45 -9.57 -10.23
CA MET B 46 -10.45 -9.56 -10.25
C MET B 46 -8.94 -9.68 -10.27
N GLY B 47 -8.29 -8.72 -10.90
CA GLY B 47 -6.85 -8.53 -10.75
C GLY B 47 -6.66 -7.39 -9.75
N LEU B 48 -5.41 -6.97 -9.57
CA LEU B 48 -5.09 -6.01 -8.52
C LEU B 48 -5.74 -4.64 -8.77
N ASP B 49 -5.67 -4.17 -10.01
CA ASP B 49 -6.22 -2.85 -10.32
C ASP B 49 -7.75 -2.86 -10.16
N GLU B 50 -8.39 -3.93 -10.61
CA GLU B 50 -9.83 -4.08 -10.41
C GLU B 50 -10.19 -4.15 -8.92
N PHE B 51 -9.39 -4.88 -8.15
CA PHE B 51 -9.56 -4.94 -6.70
C PHE B 51 -9.64 -3.54 -6.11
N ARG B 52 -8.67 -2.70 -6.47
CA ARG B 52 -8.67 -1.33 -5.96
C ARG B 52 -9.93 -0.57 -6.36
N PHE B 53 -10.34 -0.72 -7.61
CA PHE B 53 -11.51 0.01 -8.11
C PHE B 53 -12.78 -0.37 -7.36
N GLY B 54 -12.93 -1.64 -6.96
CA GLY B 54 -14.06 -2.04 -6.15
C GLY B 54 -14.12 -1.27 -4.83
N ILE B 55 -12.98 -1.15 -4.17
CA ILE B 55 -12.90 -0.40 -2.91
C ILE B 55 -13.26 1.08 -3.14
N GLU B 56 -12.79 1.64 -4.25
CA GLU B 56 -13.03 3.04 -4.57
C GLU B 56 -14.51 3.36 -4.77
N GLN B 57 -15.31 2.32 -5.04
CA GLN B 57 -16.75 2.51 -5.25
C GLN B 57 -17.58 2.36 -3.96
N MET B 58 -16.92 2.16 -2.83
CA MET B 58 -17.64 2.07 -1.55
C MET B 58 -18.43 3.33 -1.21
N ASN B 59 -19.45 3.15 -0.38
CA ASN B 59 -20.07 4.27 0.31
C ASN B 59 -18.98 5.06 1.01
N PRO B 60 -18.90 6.38 0.78
CA PRO B 60 -17.77 7.16 1.33
C PRO B 60 -17.69 7.16 2.87
N ALA B 61 -18.83 7.30 3.54
CA ALA B 61 -18.83 7.30 5.00
C ALA B 61 -18.37 5.95 5.54
N GLU B 62 -18.86 4.87 4.92
CA GLU B 62 -18.43 3.54 5.30
C GLU B 62 -16.92 3.35 5.07
N TYR B 63 -16.44 3.82 3.93
CA TYR B 63 -15.01 3.75 3.62
C TYR B 63 -14.17 4.43 4.69
N LEU B 64 -14.57 5.65 5.03
CA LEU B 64 -13.76 6.49 5.90
C LEU B 64 -13.62 5.95 7.31
N GLU B 65 -14.60 5.19 7.81
CA GLU B 65 -14.55 4.79 9.21
C GLU B 65 -14.64 3.29 9.48
N SER B 66 -14.70 2.46 8.44
CA SER B 66 -14.75 1.02 8.66
C SER B 66 -13.36 0.44 8.90
N PRO B 67 -13.29 -0.69 9.60
CA PRO B 67 -12.00 -1.40 9.70
C PRO B 67 -11.46 -1.68 8.30
N TYR B 68 -10.17 -1.50 8.13
CA TYR B 68 -9.53 -1.68 6.82
C TYR B 68 -9.95 -2.93 6.06
N TYR B 69 -9.93 -4.10 6.70
CA TYR B 69 -10.17 -5.30 5.90
C TYR B 69 -11.62 -5.42 5.46
N TRP B 70 -12.51 -4.62 6.05
CA TRP B 70 -13.87 -4.55 5.54
C TRP B 70 -13.87 -4.02 4.09
N HIS B 71 -12.94 -3.14 3.76
CA HIS B 71 -12.81 -2.68 2.37
C HIS B 71 -12.59 -3.86 1.43
N TRP B 72 -11.75 -4.81 1.86
CA TRP B 72 -11.45 -5.95 1.02
C TRP B 72 -12.71 -6.79 0.81
N ILE B 73 -13.48 -7.00 1.87
CA ILE B 73 -14.74 -7.74 1.76
C ILE B 73 -15.68 -7.06 0.75
N ARG B 74 -15.79 -5.73 0.80
CA ARG B 74 -16.67 -5.04 -0.14
C ARG B 74 -16.25 -5.28 -1.58
N THR B 75 -14.94 -5.26 -1.86
CA THR B 75 -14.53 -5.42 -3.25
C THR B 75 -14.70 -6.89 -3.71
N TYR B 76 -14.52 -7.87 -2.81
CA TYR B 76 -14.83 -9.26 -3.19
C TYR B 76 -16.28 -9.41 -3.59
N ILE B 77 -17.18 -8.83 -2.80
CA ILE B 77 -18.60 -8.97 -3.08
C ILE B 77 -18.94 -8.26 -4.38
N HIS B 78 -18.38 -7.07 -4.54
CA HIS B 78 -18.58 -6.26 -5.73
C HIS B 78 -18.23 -7.04 -6.99
N HIS B 79 -17.03 -7.64 -7.00
CA HIS B 79 -16.61 -8.39 -8.17
C HIS B 79 -17.29 -9.76 -8.29
N GLY B 80 -17.66 -10.36 -7.15
CA GLY B 80 -18.44 -11.59 -7.19
C GLY B 80 -19.75 -11.36 -7.89
N VAL B 81 -20.42 -10.25 -7.59
CA VAL B 81 -21.67 -9.91 -8.27
C VAL B 81 -21.42 -9.56 -9.73
N ARG B 82 -20.39 -8.75 -9.98
CA ARG B 82 -20.06 -8.33 -11.36
C ARG B 82 -19.83 -9.52 -12.30
N THR B 83 -19.16 -10.56 -11.78
CA THR B 83 -18.82 -11.74 -12.59
C THR B 83 -19.87 -12.85 -12.51
N GLY B 84 -20.88 -12.65 -11.67
CA GLY B 84 -21.93 -13.66 -11.53
C GLY B 84 -21.51 -14.85 -10.67
N LYS B 85 -20.40 -14.71 -9.95
CA LYS B 85 -19.90 -15.80 -9.12
C LYS B 85 -20.50 -15.77 -7.71
N ILE B 86 -21.06 -14.62 -7.31
CA ILE B 86 -21.72 -14.49 -6.01
C ILE B 86 -23.16 -14.05 -6.22
N ASP B 87 -24.10 -14.85 -5.72
CA ASP B 87 -25.51 -14.48 -5.71
C ASP B 87 -25.81 -13.66 -4.47
N LEU B 88 -26.23 -12.41 -4.65
CA LEU B 88 -26.41 -11.48 -3.53
C LEU B 88 -27.51 -11.94 -2.58
N GLU B 89 -28.59 -12.49 -3.13
CA GLU B 89 -29.71 -12.93 -2.29
C GLU B 89 -29.28 -14.08 -1.38
N GLU B 90 -28.45 -14.98 -1.92
CA GLU B 90 -27.94 -16.07 -1.12
C GLU B 90 -26.96 -15.56 -0.06
N LEU B 91 -26.12 -14.59 -0.42
CA LEU B 91 -25.20 -14.00 0.55
C LEU B 91 -25.96 -13.36 1.72
N GLU B 92 -27.04 -12.65 1.39
CA GLU B 92 -27.84 -12.01 2.43
CA GLU B 92 -27.87 -12.01 2.42
C GLU B 92 -28.50 -13.05 3.34
N ARG B 93 -29.04 -14.11 2.76
CA ARG B 93 -29.65 -15.17 3.55
C ARG B 93 -28.62 -15.81 4.49
N ARG B 94 -27.44 -16.11 3.96
CA ARG B 94 -26.40 -16.72 4.78
C ARG B 94 -25.89 -15.78 5.86
N THR B 95 -25.86 -14.49 5.56
CA THR B 95 -25.45 -13.50 6.56
C THR B 95 -26.41 -13.54 7.75
N GLN B 96 -27.71 -13.54 7.46
CA GLN B 96 -28.71 -13.60 8.54
C GLN B 96 -28.58 -14.89 9.33
N TYR B 97 -28.32 -15.99 8.62
CA TYR B 97 -28.14 -17.27 9.30
C TYR B 97 -26.96 -17.22 10.29
N TYR B 98 -25.85 -16.64 9.88
CA TYR B 98 -24.69 -16.59 10.76
C TYR B 98 -24.81 -15.46 11.80
N ARG B 99 -25.69 -14.49 11.57
CA ARG B 99 -26.06 -13.54 12.62
C ARG B 99 -26.72 -14.28 13.77
N GLU B 100 -27.66 -15.14 13.41
CA GLU B 100 -28.47 -15.84 14.41
C GLU B 100 -27.72 -17.03 14.99
N ASN B 101 -26.83 -17.61 14.20
CA ASN B 101 -26.09 -18.80 14.58
C ASN B 101 -24.59 -18.61 14.36
N PRO B 102 -23.97 -17.74 15.17
CA PRO B 102 -22.58 -17.36 14.92
C PRO B 102 -21.58 -18.51 15.02
N ASP B 103 -21.92 -19.54 15.81
CA ASP B 103 -21.02 -20.66 15.98
C ASP B 103 -21.40 -21.86 15.10
N ALA B 104 -22.35 -21.66 14.19
CA ALA B 104 -22.70 -22.71 13.24
C ALA B 104 -21.51 -23.03 12.34
N PRO B 105 -21.39 -24.29 11.90
CA PRO B 105 -20.19 -24.65 11.13
C PRO B 105 -20.13 -24.03 9.74
N LEU B 106 -18.92 -23.97 9.21
CA LEU B 106 -18.71 -23.69 7.80
C LEU B 106 -19.03 -24.95 7.00
N PRO B 107 -19.27 -24.82 5.69
CA PRO B 107 -19.54 -26.01 4.88
C PRO B 107 -18.39 -27.00 4.87
N GLU B 108 -18.72 -28.29 4.79
CA GLU B 108 -17.70 -29.32 4.66
C GLU B 108 -16.97 -29.10 3.35
N HIS B 109 -15.66 -29.31 3.35
CA HIS B 109 -14.88 -29.14 2.14
C HIS B 109 -13.60 -29.93 2.23
N GLU B 110 -13.03 -30.22 1.07
CA GLU B 110 -11.72 -30.86 0.97
C GLU B 110 -10.64 -29.79 1.00
N GLN B 111 -9.51 -30.10 1.63
CA GLN B 111 -8.33 -29.25 1.50
C GLN B 111 -7.70 -29.48 0.14
N LYS B 112 -6.99 -28.47 -0.36
CA LYS B 112 -6.40 -28.52 -1.68
CA LYS B 112 -6.41 -28.50 -1.69
C LYS B 112 -4.94 -28.10 -1.65
N PRO B 113 -4.04 -29.05 -1.93
CA PRO B 113 -2.60 -28.72 -1.96
C PRO B 113 -2.28 -27.58 -2.94
N GLU B 114 -3.01 -27.50 -4.04
CA GLU B 114 -2.68 -26.51 -5.06
C GLU B 114 -2.92 -25.09 -4.53
N LEU B 115 -3.82 -24.92 -3.57
CA LEU B 115 -4.07 -23.60 -3.01
C LEU B 115 -2.94 -23.17 -2.06
N ILE B 116 -2.33 -24.13 -1.37
CA ILE B 116 -1.17 -23.82 -0.54
C ILE B 116 0.01 -23.47 -1.44
N GLU B 117 0.18 -24.26 -2.50
CA GLU B 117 1.24 -24.00 -3.47
C GLU B 117 1.08 -22.61 -4.08
N PHE B 118 -0.16 -22.23 -4.40
CA PHE B 118 -0.43 -20.92 -4.96
C PHE B 118 -0.02 -19.80 -3.99
N VAL B 119 -0.43 -19.94 -2.74
CA VAL B 119 -0.06 -18.98 -1.70
C VAL B 119 1.45 -18.83 -1.57
N ASN B 120 2.15 -19.95 -1.42
CA ASN B 120 3.60 -19.90 -1.24
C ASN B 120 4.31 -19.27 -2.44
N GLN B 121 3.87 -19.60 -3.65
CA GLN B 121 4.47 -19.05 -4.86
CA GLN B 121 4.47 -19.05 -4.86
C GLN B 121 4.20 -17.55 -4.97
N ALA B 122 2.96 -17.14 -4.71
CA ALA B 122 2.64 -15.72 -4.78
C ALA B 122 3.44 -14.93 -3.74
N VAL B 123 3.48 -15.42 -2.51
CA VAL B 123 4.16 -14.69 -1.44
C VAL B 123 5.66 -14.55 -1.70
N TYR B 124 6.32 -15.65 -2.03
CA TYR B 124 7.77 -15.59 -2.11
C TYR B 124 8.25 -15.30 -3.54
N GLY B 125 7.42 -15.57 -4.55
CA GLY B 125 7.78 -15.27 -5.93
C GLY B 125 7.27 -13.92 -6.42
N GLY B 126 6.18 -13.44 -5.84
CA GLY B 126 5.61 -12.17 -6.24
C GLY B 126 4.70 -12.27 -7.45
N LEU B 127 4.04 -11.16 -7.74
CA LEU B 127 3.19 -11.02 -8.91
C LEU B 127 3.63 -9.79 -9.71
N PRO B 128 4.80 -9.87 -10.34
CA PRO B 128 5.37 -8.67 -10.97
C PRO B 128 4.47 -8.07 -12.05
N ALA B 129 4.33 -6.74 -12.01
CA ALA B 129 3.50 -6.01 -12.95
C ALA B 129 4.33 -5.38 -14.07
N SER B 130 5.65 -5.58 -14.04
CA SER B 130 6.50 -5.03 -15.10
C SER B 130 6.30 -5.80 -16.41
N ARG B 131 6.34 -5.06 -17.52
CA ARG B 131 6.13 -5.65 -18.84
C ARG B 131 7.05 -5.00 -19.87
N GLU B 132 7.37 -5.76 -20.91
CA GLU B 132 8.11 -5.22 -22.06
C GLU B 132 7.13 -4.65 -23.08
N VAL B 133 7.46 -3.50 -23.65
CA VAL B 133 6.65 -2.91 -24.70
C VAL B 133 7.52 -2.56 -25.90
N ASP B 134 6.88 -2.37 -27.05
CA ASP B 134 7.62 -2.12 -28.28
C ASP B 134 8.12 -0.69 -28.41
N ARG B 135 7.43 0.25 -27.76
CA ARG B 135 7.79 1.66 -27.86
C ARG B 135 8.85 2.04 -26.84
N PRO B 136 9.75 2.98 -27.21
CA PRO B 136 10.71 3.53 -26.25
C PRO B 136 10.03 4.54 -25.32
N PRO B 137 10.65 4.87 -24.19
CA PRO B 137 10.06 5.88 -23.30
C PRO B 137 10.00 7.25 -23.98
N LYS B 138 8.88 7.94 -23.80
CA LYS B 138 8.71 9.26 -24.39
C LYS B 138 9.49 10.34 -23.63
N PHE B 139 9.66 10.12 -22.33
CA PHE B 139 10.26 11.12 -21.44
C PHE B 139 11.52 10.59 -20.77
N LYS B 140 12.31 11.51 -20.21
CA LYS B 140 13.57 11.18 -19.58
C LYS B 140 13.82 12.04 -18.35
N GLU B 141 14.76 11.61 -17.51
CA GLU B 141 15.15 12.39 -16.34
C GLU B 141 15.43 13.84 -16.67
N GLY B 142 14.85 14.75 -15.90
CA GLY B 142 15.06 16.18 -16.08
C GLY B 142 13.97 16.85 -16.90
N ASP B 143 13.15 16.07 -17.59
CA ASP B 143 12.08 16.67 -18.37
C ASP B 143 11.06 17.34 -17.45
N VAL B 144 10.59 18.52 -17.83
CA VAL B 144 9.57 19.21 -17.08
C VAL B 144 8.23 18.89 -17.74
N VAL B 145 7.31 18.33 -16.96
CA VAL B 145 6.07 17.82 -17.50
C VAL B 145 4.87 18.31 -16.72
N ARG B 146 3.70 18.23 -17.32
CA ARG B 146 2.47 18.60 -16.67
C ARG B 146 1.53 17.40 -16.60
N PHE B 147 0.95 17.19 -15.42
CA PHE B 147 0.02 16.09 -15.20
C PHE B 147 -1.35 16.43 -15.78
N SER B 148 -1.94 15.44 -16.43
CA SER B 148 -3.26 15.53 -17.05
C SER B 148 -4.37 16.07 -16.13
N THR B 149 -5.28 16.84 -16.71
CA THR B 149 -6.48 17.26 -15.98
C THR B 149 -7.67 16.34 -16.28
N ALA B 150 -7.44 15.23 -16.98
CA ALA B 150 -8.52 14.28 -17.24
C ALA B 150 -9.10 13.77 -15.93
N SER B 151 -10.40 13.44 -15.93
CA SER B 151 -11.10 13.02 -14.73
C SER B 151 -11.99 11.83 -15.03
N PRO B 152 -11.38 10.68 -15.37
CA PRO B 152 -12.17 9.50 -15.75
C PRO B 152 -13.07 9.03 -14.60
N LYS B 153 -14.25 8.54 -14.94
CA LYS B 153 -15.14 7.97 -13.93
C LYS B 153 -14.61 6.60 -13.48
N GLY B 154 -13.97 5.88 -14.41
CA GLY B 154 -13.42 4.58 -14.09
C GLY B 154 -12.11 4.66 -13.32
N HIS B 155 -11.51 3.49 -13.07
CA HIS B 155 -10.29 3.43 -12.28
C HIS B 155 -9.14 4.16 -12.97
N ALA B 156 -8.35 4.86 -12.16
CA ALA B 156 -7.08 5.47 -12.59
C ALA B 156 -6.28 5.77 -11.34
N ARG B 157 -5.00 6.10 -11.51
CA ARG B 157 -4.16 6.50 -10.38
C ARG B 157 -3.82 7.97 -10.54
N ARG B 158 -4.86 8.80 -10.55
CA ARG B 158 -4.73 10.22 -10.84
C ARG B 158 -5.21 11.04 -9.64
N ALA B 159 -4.41 11.07 -8.57
CA ALA B 159 -4.81 11.78 -7.37
C ALA B 159 -5.17 13.23 -7.71
N ARG B 160 -6.28 13.70 -7.19
CA ARG B 160 -6.72 15.05 -7.54
C ARG B 160 -5.66 16.10 -7.22
N TYR B 161 -4.88 15.90 -6.16
CA TYR B 161 -3.93 16.94 -5.76
C TYR B 161 -2.77 17.15 -6.73
N VAL B 162 -2.53 16.21 -7.66
CA VAL B 162 -1.47 16.42 -8.66
C VAL B 162 -1.99 16.79 -10.05
N ARG B 163 -3.30 16.78 -10.26
CA ARG B 163 -3.81 17.06 -11.61
C ARG B 163 -3.53 18.49 -12.04
N GLY B 164 -3.06 18.63 -13.28
CA GLY B 164 -2.73 19.93 -13.85
C GLY B 164 -1.46 20.54 -13.31
N LYS B 165 -0.77 19.81 -12.44
CA LYS B 165 0.44 20.34 -11.82
CA LYS B 165 0.45 20.31 -11.80
C LYS B 165 1.70 20.02 -12.64
N THR B 166 2.70 20.89 -12.49
CA THR B 166 3.95 20.77 -13.23
C THR B 166 5.02 20.21 -12.32
N GLY B 167 5.77 19.25 -12.84
CA GLY B 167 6.84 18.61 -12.08
C GLY B 167 7.98 18.18 -12.97
N THR B 168 8.98 17.55 -12.37
CA THR B 168 10.18 17.13 -13.10
C THR B 168 10.34 15.61 -13.06
N VAL B 169 10.59 15.00 -14.22
CA VAL B 169 10.81 13.57 -14.26
C VAL B 169 12.09 13.22 -13.51
N VAL B 170 11.97 12.31 -12.55
CA VAL B 170 13.07 11.90 -11.69
C VAL B 170 13.69 10.58 -12.14
N LYS B 171 12.84 9.66 -12.60
CA LYS B 171 13.29 8.34 -12.99
C LYS B 171 12.29 7.68 -13.92
N HIS B 172 12.81 6.97 -14.92
CA HIS B 172 12.02 6.09 -15.75
C HIS B 172 12.22 4.65 -15.27
N HIS B 173 11.12 3.94 -15.01
CA HIS B 173 11.19 2.62 -14.38
C HIS B 173 11.03 1.46 -15.33
N GLY B 174 10.74 1.75 -16.59
CA GLY B 174 10.30 0.73 -17.51
C GLY B 174 8.77 0.74 -17.60
N ALA B 175 8.22 -0.22 -18.33
CA ALA B 175 6.77 -0.26 -18.53
C ALA B 175 6.09 -1.23 -17.56
N TYR B 176 4.84 -0.94 -17.24
CA TYR B 176 4.05 -1.67 -16.24
C TYR B 176 2.60 -1.72 -16.69
N ILE B 177 1.86 -2.70 -16.15
CA ILE B 177 0.41 -2.71 -16.26
C ILE B 177 -0.16 -1.31 -16.05
N TYR B 178 -1.08 -0.92 -16.92
CA TYR B 178 -1.69 0.40 -16.92
C TYR B 178 -3.03 0.36 -16.19
N PRO B 179 -3.14 1.05 -15.05
CA PRO B 179 -4.37 0.96 -14.25
C PRO B 179 -5.63 1.41 -15.02
N ASP B 180 -5.51 2.40 -15.88
CA ASP B 180 -6.70 2.99 -16.50
C ASP B 180 -7.36 1.99 -17.44
N THR B 181 -6.59 1.02 -17.94
CA THR B 181 -7.22 -0.10 -18.64
C THR B 181 -7.48 -1.27 -17.68
N ALA B 182 -6.46 -1.71 -16.94
CA ALA B 182 -6.57 -2.95 -16.18
C ALA B 182 -7.68 -2.90 -15.13
N GLY B 183 -7.82 -1.76 -14.46
CA GLY B 183 -8.80 -1.64 -13.38
C GLY B 183 -10.23 -1.59 -13.86
N ASN B 184 -10.39 -1.37 -15.17
CA ASN B 184 -11.70 -1.28 -15.79
C ASN B 184 -12.02 -2.46 -16.69
N GLY B 185 -11.26 -3.55 -16.53
CA GLY B 185 -11.52 -4.77 -17.27
C GLY B 185 -11.09 -4.70 -18.71
N LEU B 186 -10.20 -3.76 -19.02
CA LEU B 186 -9.78 -3.56 -20.40
C LEU B 186 -8.35 -4.05 -20.68
N GLY B 187 -7.79 -4.82 -19.74
CA GLY B 187 -6.52 -5.49 -19.96
C GLY B 187 -5.28 -4.72 -19.54
N GLU B 188 -4.13 -5.35 -19.69
CA GLU B 188 -2.89 -4.80 -19.14
C GLU B 188 -2.40 -3.53 -19.85
N CYS B 189 -2.47 -3.52 -21.18
CA CYS B 189 -2.06 -2.38 -22.02
C CYS B 189 -0.92 -1.56 -21.43
N PRO B 190 0.24 -2.21 -21.21
CA PRO B 190 1.29 -1.59 -20.40
C PRO B 190 1.85 -0.29 -20.97
N GLU B 191 2.25 0.59 -20.06
CA GLU B 191 2.76 1.92 -20.38
C GLU B 191 4.02 2.16 -19.57
N HIS B 192 4.93 2.95 -20.14
CA HIS B 192 6.09 3.39 -19.40
C HIS B 192 5.72 4.16 -18.14
N LEU B 193 6.54 4.00 -17.11
CA LEU B 193 6.26 4.51 -15.79
C LEU B 193 7.39 5.44 -15.34
N TYR B 194 7.02 6.56 -14.72
CA TYR B 194 7.98 7.57 -14.29
C TYR B 194 7.67 8.06 -12.90
N THR B 195 8.71 8.32 -12.10
CA THR B 195 8.51 9.09 -10.88
C THR B 195 8.71 10.56 -11.22
N VAL B 196 7.78 11.40 -10.79
CA VAL B 196 7.83 12.84 -11.05
C VAL B 196 7.82 13.59 -9.73
N ARG B 197 8.68 14.61 -9.63
CA ARG B 197 8.80 15.43 -8.43
C ARG B 197 7.99 16.71 -8.55
N PHE B 198 7.12 16.94 -7.58
CA PHE B 198 6.30 18.15 -7.50
C PHE B 198 6.68 18.91 -6.24
N THR B 199 6.98 20.21 -6.35
CA THR B 199 7.28 20.96 -5.14
C THR B 199 6.01 21.20 -4.31
N ALA B 200 6.18 21.40 -3.00
CA ALA B 200 5.05 21.66 -2.13
C ALA B 200 4.35 22.95 -2.53
N GLN B 201 5.11 23.93 -3.00
CA GLN B 201 4.46 25.18 -3.42
C GLN B 201 3.66 25.00 -4.71
N GLU B 202 4.14 24.15 -5.61
CA GLU B 202 3.37 23.83 -6.80
C GLU B 202 2.04 23.19 -6.41
N LEU B 203 2.09 22.25 -5.47
CA LEU B 203 0.90 21.52 -5.05
C LEU B 203 -0.07 22.34 -4.20
N TRP B 204 0.48 23.09 -3.25
CA TRP B 204 -0.35 23.70 -2.20
C TRP B 204 -0.38 25.22 -2.23
N GLY B 205 0.33 25.83 -3.17
CA GLY B 205 0.29 27.27 -3.31
C GLY B 205 1.45 27.98 -2.63
N PRO B 206 1.47 29.32 -2.76
CA PRO B 206 2.56 30.22 -2.36
C PRO B 206 2.96 30.06 -0.89
N GLU B 207 2.01 29.58 -0.10
CA GLU B 207 2.19 29.32 1.31
C GLU B 207 3.10 28.13 1.56
N GLY B 208 3.21 27.27 0.55
CA GLY B 208 3.78 25.95 0.70
C GLY B 208 5.16 25.90 1.30
N ASP B 209 5.48 24.77 1.94
CA ASP B 209 6.82 24.52 2.48
C ASP B 209 7.81 24.68 1.36
N PRO B 210 8.70 25.69 1.46
CA PRO B 210 9.67 25.91 0.38
C PRO B 210 10.72 24.80 0.32
N ASN B 211 10.77 23.97 1.36
N ASN B 211 10.78 23.96 1.34
CA ASN B 211 11.74 22.89 1.43
CA ASN B 211 11.75 22.89 1.36
C ASN B 211 11.09 21.51 1.53
C ASN B 211 11.10 21.52 1.52
N SER B 212 10.07 21.27 0.72
CA SER B 212 9.46 19.95 0.64
C SER B 212 9.00 19.70 -0.79
N SER B 213 8.99 18.43 -1.17
CA SER B 213 8.50 18.00 -2.47
CA SER B 213 8.47 18.02 -2.46
C SER B 213 7.79 16.67 -2.31
N VAL B 214 6.88 16.37 -3.23
CA VAL B 214 6.20 15.08 -3.27
C VAL B 214 6.59 14.39 -4.56
N TYR B 215 6.92 13.11 -4.43
CA TYR B 215 7.29 12.26 -5.55
C TYR B 215 6.11 11.35 -5.84
N TYR B 216 5.66 11.33 -7.08
CA TYR B 216 4.41 10.68 -7.44
C TYR B 216 4.64 9.94 -8.76
N ASP B 217 4.18 8.70 -8.84
CA ASP B 217 4.44 7.92 -10.05
C ASP B 217 3.36 8.12 -11.11
N CYS B 218 3.82 8.30 -12.34
CA CYS B 218 2.99 8.71 -13.46
C CYS B 218 3.21 7.75 -14.62
N TRP B 219 2.13 7.13 -15.11
CA TRP B 219 2.25 6.36 -16.35
C TRP B 219 2.31 7.36 -17.50
N GLU B 220 2.89 6.94 -18.61
CA GLU B 220 3.19 7.88 -19.70
C GLU B 220 2.01 8.77 -20.16
N PRO B 221 0.79 8.19 -20.30
CA PRO B 221 -0.28 9.07 -20.78
C PRO B 221 -0.69 10.15 -19.79
N TYR B 222 -0.25 10.05 -18.54
CA TYR B 222 -0.62 11.01 -17.51
C TYR B 222 0.10 12.35 -17.68
N ILE B 223 1.21 12.35 -18.41
CA ILE B 223 2.07 13.52 -18.44
C ILE B 223 2.43 13.92 -19.87
N GLU B 224 2.61 15.23 -20.07
CA GLU B 224 3.10 15.74 -21.34
C GLU B 224 4.14 16.79 -21.08
N LEU B 225 5.01 16.95 -22.07
CA LEU B 225 6.15 17.81 -21.97
C LEU B 225 5.76 19.25 -21.74
N VAL B 226 6.54 19.90 -20.88
CA VAL B 226 6.63 21.35 -20.81
C VAL B 226 7.98 21.74 -21.41
N ASP B 227 9.06 21.31 -20.76
CA ASP B 227 10.43 21.56 -21.24
C ASP B 227 11.33 20.33 -21.07
N THR B 228 12.18 20.05 -22.07
CA THR B 228 13.15 18.95 -21.94
C THR B 228 14.36 19.37 -21.10
#